data_8AW1
#
_entry.id   8AW1
#
_cell.length_a   77.833
_cell.length_b   43.291
_cell.length_c   89.286
_cell.angle_alpha   90.000
_cell.angle_beta   90.600
_cell.angle_gamma   90.000
#
_symmetry.space_group_name_H-M   'P 1 21 1'
#
loop_
_entity.id
_entity.type
_entity.pdbx_description
1 polymer 'Hepatocyte growth factor receptor'
2 non-polymer 3-[1-(3-{5-[(1-methylpiperidin-4-yl)methoxy]pyrimidin-2-yl}benzyl)-6-oxo-1,6-dihydropyridazin-3-yl]benzonitrile
3 water water
#
_entity_poly.entity_id   1
_entity_poly.type   'polypeptide(L)'
_entity_poly.pdbx_seq_one_letter_code
;VHIDLSALNPELVQAVQHVVIGPSSLIVHFNEVIGRGHFGCVYHGTLLDNDGKKIHCAVKSLNRITDIGEVSQFLTEGII
MKDFSHPNVLSLLGICLRSEGSPLVVLPYMKHGDLRNFIRNETHNPTVKDLIGFGLQVAKGMKYLASKKFVHRDLAARNC
MLDEKFTVKVADFGLARDMYDKEYDSVHNKTGAKLPVKWMALESLQTQKFTTKSDVWSFGVLLWELMTRGAPPYPDVNTF
DITVYLLQGRRLLQPEYCPDPLYEVMLKCWHPKAEMRPSFSELVSRISAIFSTFIGEHY
;
_entity_poly.pdbx_strand_id   A,B
#
# COMPACT_ATOMS: atom_id res chain seq x y z
N VAL A 16 9.52 -5.16 -15.79
CA VAL A 16 10.91 -5.58 -15.61
C VAL A 16 11.68 -5.52 -16.95
N GLN A 17 10.99 -5.73 -18.08
CA GLN A 17 11.56 -5.74 -19.43
C GLN A 17 12.45 -4.52 -19.79
N HIS A 18 12.04 -3.30 -19.41
CA HIS A 18 12.83 -2.11 -19.73
C HIS A 18 14.03 -1.89 -18.80
N VAL A 19 14.09 -2.62 -17.67
CA VAL A 19 15.21 -2.45 -16.74
C VAL A 19 16.07 -3.71 -16.62
N VAL A 20 15.97 -4.68 -17.55
CA VAL A 20 16.80 -5.88 -17.51
C VAL A 20 18.23 -5.54 -17.93
N ILE A 21 19.22 -6.03 -17.18
CA ILE A 21 20.63 -5.87 -17.48
C ILE A 21 21.18 -7.25 -17.86
N GLY A 22 21.83 -7.34 -19.01
CA GLY A 22 22.42 -8.60 -19.47
C GLY A 22 23.61 -8.98 -18.62
N PRO A 23 23.73 -10.27 -18.24
CA PRO A 23 24.86 -10.69 -17.38
C PRO A 23 26.24 -10.41 -17.95
N SER A 24 26.35 -10.30 -19.28
CA SER A 24 27.62 -9.99 -19.94
C SER A 24 28.03 -8.53 -19.70
N SER A 25 27.06 -7.63 -19.50
CA SER A 25 27.30 -6.21 -19.26
C SER A 25 27.57 -5.87 -17.79
N LEU A 26 27.61 -6.88 -16.90
CA LEU A 26 27.81 -6.61 -15.49
C LEU A 26 28.96 -7.41 -14.88
N ILE A 27 29.89 -6.72 -14.24
CA ILE A 27 31.00 -7.36 -13.56
C ILE A 27 30.75 -7.20 -12.07
N VAL A 28 30.61 -8.30 -11.34
CA VAL A 28 30.34 -8.22 -9.90
C VAL A 28 31.60 -8.66 -9.16
N HIS A 29 32.14 -7.81 -8.27
CA HIS A 29 33.32 -8.18 -7.50
C HIS A 29 32.84 -8.74 -6.18
N PHE A 30 32.68 -10.06 -6.15
CA PHE A 30 32.21 -10.76 -4.96
C PHE A 30 33.21 -10.74 -3.78
N ASN A 31 34.45 -10.31 -4.03
CA ASN A 31 35.46 -10.13 -2.99
C ASN A 31 35.31 -8.75 -2.31
N GLU A 32 34.71 -7.76 -2.99
CA GLU A 32 34.54 -6.40 -2.45
C GLU A 32 33.14 -6.17 -1.87
N VAL A 33 32.92 -6.65 -0.64
CA VAL A 33 31.63 -6.46 0.01
C VAL A 33 31.61 -5.06 0.59
N ILE A 34 30.63 -4.25 0.21
CA ILE A 34 30.49 -2.87 0.68
C ILE A 34 29.27 -2.63 1.59
N GLY A 35 28.47 -3.66 1.82
CA GLY A 35 27.30 -3.60 2.67
C GLY A 35 26.78 -4.99 2.96
N ARG A 36 26.18 -5.19 4.12
CA ARG A 36 25.62 -6.50 4.49
C ARG A 36 24.19 -6.34 4.99
N GLY A 37 23.28 -7.12 4.44
CA GLY A 37 21.89 -7.13 4.86
C GLY A 37 21.37 -8.53 5.14
N HIS A 38 20.14 -8.66 5.64
CA HIS A 38 19.54 -9.96 5.93
C HIS A 38 19.20 -10.73 4.66
N PHE A 39 18.71 -10.04 3.63
CA PHE A 39 18.36 -10.67 2.35
C PHE A 39 19.59 -10.98 1.50
N GLY A 40 20.68 -10.24 1.68
CA GLY A 40 21.89 -10.46 0.91
C GLY A 40 22.95 -9.39 1.09
N CYS A 41 24.02 -9.47 0.31
CA CYS A 41 25.12 -8.53 0.42
C CYS A 41 25.15 -7.50 -0.70
N VAL A 42 25.83 -6.39 -0.45
CA VAL A 42 26.06 -5.34 -1.42
C VAL A 42 27.51 -5.48 -1.86
N TYR A 43 27.74 -5.50 -3.17
CA TYR A 43 29.08 -5.65 -3.72
C TYR A 43 29.40 -4.51 -4.66
N HIS A 44 30.69 -4.19 -4.80
CA HIS A 44 31.09 -3.20 -5.78
C HIS A 44 30.99 -3.88 -7.15
N GLY A 45 30.40 -3.20 -8.11
CA GLY A 45 30.24 -3.74 -9.44
C GLY A 45 30.64 -2.76 -10.53
N THR A 46 30.67 -3.25 -11.77
CA THR A 46 30.99 -2.41 -12.91
C THR A 46 29.98 -2.67 -14.01
N LEU A 47 29.44 -1.59 -14.56
CA LEU A 47 28.47 -1.62 -15.65
C LEU A 47 29.14 -1.00 -16.87
N LEU A 48 28.71 -1.41 -18.06
CA LEU A 48 29.26 -0.86 -19.29
C LEU A 48 28.23 -0.01 -19.96
N ASP A 49 28.65 1.14 -20.47
CA ASP A 49 27.74 2.01 -21.21
C ASP A 49 27.94 1.72 -22.72
N ASN A 50 27.04 2.23 -23.58
CA ASN A 50 27.11 2.01 -25.02
C ASN A 50 28.47 2.40 -25.61
N ASP A 51 29.16 3.37 -24.98
CA ASP A 51 30.45 3.86 -25.46
C ASP A 51 31.69 3.14 -24.90
N GLY A 52 31.50 2.23 -23.95
CA GLY A 52 32.60 1.51 -23.34
C GLY A 52 33.12 2.11 -22.04
N LYS A 53 32.40 3.10 -21.50
CA LYS A 53 32.81 3.72 -20.26
C LYS A 53 32.29 2.88 -19.06
N LYS A 54 33.15 2.70 -18.06
CA LYS A 54 32.80 1.90 -16.89
C LYS A 54 32.02 2.78 -15.91
N ILE A 55 30.90 2.26 -15.41
CA ILE A 55 30.06 2.97 -14.46
C ILE A 55 30.10 2.16 -13.16
N HIS A 56 30.39 2.83 -12.03
CA HIS A 56 30.46 2.16 -10.73
C HIS A 56 29.08 1.77 -10.21
N CYS A 57 28.97 0.51 -9.80
CA CYS A 57 27.74 -0.10 -9.30
C CYS A 57 27.89 -0.50 -7.86
N ALA A 58 26.72 -0.71 -7.24
CA ALA A 58 26.52 -1.32 -5.97
C ALA A 58 25.48 -2.40 -6.34
N VAL A 59 25.88 -3.66 -6.27
CA VAL A 59 25.04 -4.77 -6.67
C VAL A 59 24.50 -5.48 -5.45
N LYS A 60 23.20 -5.39 -5.24
CA LYS A 60 22.53 -6.00 -4.10
C LYS A 60 22.11 -7.42 -4.46
N SER A 61 22.46 -8.40 -3.63
CA SER A 61 22.09 -9.80 -3.84
C SER A 61 20.80 -10.16 -3.10
N LEU A 62 20.00 -11.07 -3.65
CA LEU A 62 18.73 -11.49 -3.03
C LEU A 62 18.59 -13.02 -2.83
N ASN A 63 18.63 -13.50 -1.58
CA ASN A 63 18.39 -14.92 -1.29
C ASN A 63 17.16 -15.11 -0.40
N GLU A 70 7.99 -15.71 -3.78
CA GLU A 70 8.80 -15.10 -2.73
C GLU A 70 9.75 -14.06 -3.32
N VAL A 71 10.60 -14.46 -4.27
CA VAL A 71 11.50 -13.54 -4.97
C VAL A 71 10.65 -12.70 -5.95
N SER A 72 9.72 -13.35 -6.66
CA SER A 72 8.78 -12.69 -7.57
C SER A 72 7.95 -11.65 -6.81
N GLN A 73 7.49 -11.99 -5.59
CA GLN A 73 6.72 -11.07 -4.75
C GLN A 73 7.58 -9.83 -4.41
N PHE A 74 8.85 -10.03 -4.05
CA PHE A 74 9.78 -8.95 -3.71
C PHE A 74 10.02 -8.03 -4.91
N LEU A 75 10.19 -8.61 -6.10
CA LEU A 75 10.40 -7.83 -7.31
C LEU A 75 9.12 -7.07 -7.69
N THR A 76 7.95 -7.68 -7.45
CA THR A 76 6.63 -7.07 -7.69
C THR A 76 6.45 -5.85 -6.81
N GLU A 77 6.78 -5.98 -5.50
CA GLU A 77 6.66 -4.90 -4.52
C GLU A 77 7.64 -3.76 -4.80
N GLY A 78 8.85 -4.10 -5.26
CA GLY A 78 9.90 -3.11 -5.48
C GLY A 78 10.05 -2.49 -6.85
N ILE A 79 9.42 -3.08 -7.88
CA ILE A 79 9.53 -2.56 -9.26
C ILE A 79 8.97 -1.14 -9.43
N ILE A 80 8.18 -0.63 -8.45
CA ILE A 80 7.66 0.75 -8.50
C ILE A 80 8.80 1.79 -8.43
N MET A 81 9.99 1.41 -7.87
CA MET A 81 11.13 2.31 -7.72
C MET A 81 11.68 2.79 -9.05
N LYS A 82 11.54 2.01 -10.14
CA LYS A 82 11.99 2.46 -11.45
C LYS A 82 11.24 3.73 -11.90
N ASP A 83 9.99 3.93 -11.43
CA ASP A 83 9.18 5.10 -11.76
C ASP A 83 9.51 6.34 -10.91
N PHE A 84 10.31 6.20 -9.86
CA PHE A 84 10.68 7.33 -9.01
C PHE A 84 11.92 8.02 -9.58
N SER A 85 11.94 9.34 -9.56
CA SER A 85 13.06 10.11 -10.07
C SER A 85 13.13 11.43 -9.37
N HIS A 86 14.09 11.54 -8.46
CA HIS A 86 14.33 12.74 -7.68
C HIS A 86 15.82 12.77 -7.28
N PRO A 87 16.49 13.93 -7.27
CA PRO A 87 17.93 13.94 -6.92
C PRO A 87 18.26 13.46 -5.50
N ASN A 88 17.27 13.46 -4.60
CA ASN A 88 17.48 13.01 -3.24
C ASN A 88 16.84 11.68 -2.95
N VAL A 89 16.62 10.85 -3.97
CA VAL A 89 16.01 9.54 -3.83
C VAL A 89 16.83 8.59 -4.65
N LEU A 90 17.23 7.46 -4.06
CA LEU A 90 18.00 6.43 -4.75
C LEU A 90 17.30 5.93 -6.00
N SER A 91 18.00 5.89 -7.13
CA SER A 91 17.42 5.36 -8.37
C SER A 91 17.87 3.91 -8.59
N LEU A 92 17.21 3.20 -9.50
CA LEU A 92 17.54 1.83 -9.82
C LEU A 92 18.20 1.82 -11.18
N LEU A 93 19.40 1.23 -11.28
CA LEU A 93 20.07 1.12 -12.57
C LEU A 93 19.48 -0.03 -13.38
N GLY A 94 19.13 -1.13 -12.72
CA GLY A 94 18.51 -2.26 -13.38
C GLY A 94 18.57 -3.55 -12.60
N ILE A 95 18.05 -4.62 -13.17
CA ILE A 95 18.04 -5.92 -12.52
C ILE A 95 18.76 -6.90 -13.41
N CYS A 96 19.75 -7.60 -12.86
CA CYS A 96 20.44 -8.61 -13.63
C CYS A 96 19.82 -9.96 -13.36
N LEU A 97 19.14 -10.50 -14.37
CA LEU A 97 18.52 -11.81 -14.26
C LEU A 97 19.53 -12.86 -14.67
N ARG A 98 19.59 -13.96 -13.92
CA ARG A 98 20.51 -15.06 -14.22
C ARG A 98 19.91 -16.38 -13.75
N SER A 102 19.49 -16.53 -8.85
CA SER A 102 19.11 -15.43 -7.98
C SER A 102 19.34 -14.06 -8.64
N PRO A 103 18.30 -13.21 -8.69
CA PRO A 103 18.48 -11.90 -9.34
C PRO A 103 19.33 -10.92 -8.54
N LEU A 104 20.06 -10.08 -9.27
CA LEU A 104 20.92 -9.08 -8.67
C LEU A 104 20.32 -7.72 -8.94
N VAL A 105 20.27 -6.86 -7.93
CA VAL A 105 19.74 -5.51 -8.06
C VAL A 105 20.89 -4.55 -8.29
N VAL A 106 20.88 -3.84 -9.40
CA VAL A 106 21.95 -2.92 -9.74
C VAL A 106 21.56 -1.50 -9.34
N LEU A 107 22.35 -0.93 -8.43
CA LEU A 107 22.12 0.41 -7.89
C LEU A 107 23.33 1.33 -8.15
N PRO A 108 23.15 2.66 -8.12
CA PRO A 108 24.30 3.54 -8.34
C PRO A 108 25.22 3.46 -7.12
N TYR A 109 26.51 3.46 -7.36
CA TYR A 109 27.50 3.41 -6.30
C TYR A 109 27.46 4.73 -5.53
N MET A 110 27.46 4.64 -4.21
CA MET A 110 27.44 5.81 -3.33
C MET A 110 28.81 5.88 -2.66
N LYS A 111 29.74 6.66 -3.22
CA LYS A 111 31.11 6.80 -2.77
C LYS A 111 31.29 6.93 -1.27
N HIS A 112 30.51 7.79 -0.61
CA HIS A 112 30.67 8.02 0.82
C HIS A 112 29.79 7.14 1.70
N GLY A 113 29.17 6.11 1.13
CA GLY A 113 28.38 5.14 1.88
C GLY A 113 27.19 5.71 2.62
N ASP A 114 26.75 5.02 3.69
CA ASP A 114 25.59 5.50 4.44
C ASP A 114 25.88 6.75 5.27
N LEU A 115 24.86 7.61 5.37
CA LEU A 115 24.89 8.88 6.09
C LEU A 115 25.32 8.75 7.55
N ARG A 116 24.89 7.69 8.24
CA ARG A 116 25.26 7.50 9.64
C ARG A 116 26.76 7.23 9.83
N ASN A 117 27.34 6.30 9.04
CA ASN A 117 28.77 6.02 9.12
C ASN A 117 29.57 7.23 8.65
N PHE A 118 29.05 8.00 7.68
CA PHE A 118 29.72 9.20 7.21
C PHE A 118 29.85 10.22 8.34
N ILE A 119 28.76 10.55 9.05
CA ILE A 119 28.83 11.53 10.14
C ILE A 119 29.59 11.01 11.37
N ARG A 120 29.79 9.69 11.48
CA ARG A 120 30.61 9.12 12.55
C ARG A 120 32.08 8.93 12.09
N ASN A 121 32.39 9.07 10.78
CA ASN A 121 33.74 8.92 10.24
C ASN A 121 34.68 10.04 10.71
N GLU A 122 36.00 9.82 10.58
CA GLU A 122 36.95 10.86 11.00
C GLU A 122 37.86 11.35 9.88
N THR A 123 37.52 11.07 8.62
CA THR A 123 38.22 11.60 7.45
C THR A 123 37.57 12.97 7.06
N HIS A 124 36.25 13.12 7.25
CA HIS A 124 35.57 14.39 6.95
C HIS A 124 35.03 15.07 8.22
N ASN A 125 34.91 16.39 8.16
CA ASN A 125 34.47 17.20 9.29
C ASN A 125 33.31 18.04 8.85
N PRO A 126 32.09 17.48 8.88
CA PRO A 126 30.94 18.24 8.42
C PRO A 126 30.59 19.32 9.44
N THR A 127 30.37 20.55 8.98
CA THR A 127 29.99 21.63 9.87
C THR A 127 28.53 21.47 10.33
N VAL A 128 28.03 22.32 11.25
CA VAL A 128 26.64 22.27 11.67
C VAL A 128 25.72 22.57 10.45
N LYS A 129 26.15 23.54 9.58
CA LYS A 129 25.44 23.88 8.34
C LYS A 129 25.39 22.67 7.38
N ASP A 130 26.52 21.95 7.18
CA ASP A 130 26.52 20.74 6.34
C ASP A 130 25.54 19.70 6.85
N LEU A 131 25.49 19.49 8.18
CA LEU A 131 24.59 18.52 8.81
C LEU A 131 23.12 18.90 8.60
N ILE A 132 22.80 20.21 8.74
CA ILE A 132 21.45 20.71 8.49
C ILE A 132 21.10 20.55 6.99
N GLY A 133 22.09 20.78 6.12
CA GLY A 133 21.98 20.59 4.68
C GLY A 133 21.72 19.14 4.31
N PHE A 134 22.32 18.17 5.03
CA PHE A 134 22.02 16.76 4.83
C PHE A 134 20.54 16.48 5.22
N GLY A 135 20.06 17.08 6.31
CA GLY A 135 18.68 16.91 6.76
C GLY A 135 17.67 17.49 5.79
N LEU A 136 18.02 18.64 5.19
CA LEU A 136 17.21 19.33 4.18
C LEU A 136 17.10 18.47 2.93
N GLN A 137 18.21 17.84 2.51
CA GLN A 137 18.20 16.93 1.37
C GLN A 137 17.29 15.73 1.60
N VAL A 138 17.30 15.14 2.82
CA VAL A 138 16.45 14.02 3.19
C VAL A 138 14.98 14.44 3.11
N ALA A 139 14.68 15.62 3.64
CA ALA A 139 13.33 16.18 3.67
C ALA A 139 12.81 16.39 2.25
N LYS A 140 13.68 16.80 1.30
CA LYS A 140 13.33 16.97 -0.12
C LYS A 140 13.02 15.61 -0.77
N GLY A 141 13.83 14.60 -0.48
CA GLY A 141 13.59 13.25 -0.99
C GLY A 141 12.30 12.67 -0.44
N MET A 142 12.05 12.91 0.84
CA MET A 142 10.81 12.43 1.48
C MET A 142 9.59 13.16 0.97
N LYS A 143 9.75 14.45 0.62
CA LYS A 143 8.65 15.25 0.10
C LYS A 143 8.24 14.67 -1.26
N TYR A 144 9.22 14.23 -2.07
CA TYR A 144 8.94 13.58 -3.34
C TYR A 144 8.21 12.24 -3.08
N LEU A 145 8.75 11.37 -2.19
CA LEU A 145 8.13 10.10 -1.90
C LEU A 145 6.71 10.24 -1.37
N ALA A 146 6.44 11.23 -0.47
CA ALA A 146 5.10 11.49 0.08
C ALA A 146 4.15 11.96 -1.00
N SER A 147 4.65 12.74 -1.98
CA SER A 147 3.81 13.22 -3.11
C SER A 147 3.39 12.03 -4.01
N LYS A 148 4.19 10.96 -4.06
CA LYS A 148 3.85 9.72 -4.77
C LYS A 148 3.00 8.74 -3.89
N LYS A 149 2.67 9.17 -2.65
CA LYS A 149 1.95 8.42 -1.63
C LYS A 149 2.73 7.17 -1.20
N PHE A 150 4.06 7.27 -1.21
CA PHE A 150 4.91 6.18 -0.86
C PHE A 150 5.35 6.37 0.57
N VAL A 151 5.16 5.34 1.41
CA VAL A 151 5.56 5.37 2.81
C VAL A 151 6.82 4.54 2.96
N HIS A 152 7.88 5.14 3.52
CA HIS A 152 9.19 4.51 3.68
C HIS A 152 9.17 3.43 4.75
N ARG A 153 8.75 3.75 5.98
CA ARG A 153 8.64 2.85 7.14
C ARG A 153 9.96 2.60 7.86
N ASP A 154 11.12 2.96 7.26
CA ASP A 154 12.39 2.77 7.93
C ASP A 154 13.33 3.94 7.64
N LEU A 155 12.84 5.17 7.81
CA LEU A 155 13.68 6.34 7.62
C LEU A 155 14.60 6.45 8.84
N ALA A 156 15.91 6.51 8.57
CA ALA A 156 16.99 6.58 9.54
C ALA A 156 18.27 6.96 8.77
N ALA A 157 19.26 7.56 9.46
CA ALA A 157 20.51 7.97 8.83
C ALA A 157 21.27 6.81 8.19
N ARG A 158 21.19 5.60 8.76
CA ARG A 158 21.83 4.41 8.18
C ARG A 158 21.23 4.05 6.81
N ASN A 159 19.98 4.46 6.56
CA ASN A 159 19.27 4.11 5.36
C ASN A 159 19.30 5.17 4.26
N CYS A 160 20.11 6.21 4.42
CA CYS A 160 20.31 7.25 3.41
C CYS A 160 21.77 7.12 2.99
N MET A 161 22.06 7.38 1.71
CA MET A 161 23.41 7.27 1.18
C MET A 161 23.95 8.62 0.70
N LEU A 162 25.29 8.73 0.56
CA LEU A 162 25.91 9.97 0.07
C LEU A 162 26.72 9.63 -1.13
N ASP A 163 26.50 10.34 -2.22
CA ASP A 163 27.25 10.10 -3.45
C ASP A 163 28.57 10.91 -3.45
N GLU A 164 29.32 10.86 -4.55
CA GLU A 164 30.59 11.58 -4.76
C GLU A 164 30.46 13.10 -4.61
N LYS A 165 29.28 13.66 -4.84
CA LYS A 165 29.07 15.11 -4.70
C LYS A 165 28.48 15.48 -3.34
N PHE A 166 28.46 14.54 -2.37
CA PHE A 166 27.87 14.71 -1.05
C PHE A 166 26.36 14.97 -1.13
N THR A 167 25.70 14.43 -2.18
CA THR A 167 24.26 14.53 -2.35
C THR A 167 23.67 13.32 -1.63
N VAL A 168 22.70 13.57 -0.77
CA VAL A 168 22.04 12.56 0.01
C VAL A 168 20.94 11.90 -0.78
N LYS A 169 20.91 10.57 -0.76
CA LYS A 169 19.88 9.82 -1.43
C LYS A 169 19.13 9.07 -0.36
N VAL A 170 17.80 9.23 -0.32
CA VAL A 170 16.94 8.44 0.56
C VAL A 170 16.94 7.05 -0.10
N ALA A 171 17.41 6.05 0.64
CA ALA A 171 17.61 4.72 0.08
C ALA A 171 16.85 3.65 0.91
N ASP A 172 17.13 2.29 0.79
CA ASP A 172 16.45 1.25 1.57
C ASP A 172 14.93 1.18 1.33
N PHE A 173 14.52 1.11 0.07
CA PHE A 173 13.12 0.98 -0.29
C PHE A 173 13.06 0.22 -1.59
N GLY A 174 11.91 -0.39 -1.88
CA GLY A 174 11.76 -1.17 -3.09
C GLY A 174 12.73 -2.35 -3.15
N LEU A 175 13.44 -2.48 -4.27
CA LEU A 175 14.42 -3.56 -4.45
C LEU A 175 15.64 -3.43 -3.53
N ALA A 176 15.92 -2.22 -3.03
CA ALA A 176 17.05 -1.98 -2.12
C ALA A 176 16.70 -2.20 -0.63
N ARG A 177 15.43 -2.49 -0.30
CA ARG A 177 14.98 -2.69 1.07
C ARG A 177 15.67 -3.85 1.78
N ASP A 178 16.19 -3.59 2.97
CA ASP A 178 16.84 -4.59 3.80
C ASP A 178 17.13 -3.99 5.20
N MET A 179 17.61 -4.84 6.11
CA MET A 179 18.06 -4.42 7.42
C MET A 179 19.59 -4.41 7.34
N TYR A 180 20.18 -3.24 7.26
CA TYR A 180 21.62 -3.09 7.10
C TYR A 180 22.38 -2.82 8.41
N ASP A 181 21.68 -2.70 9.52
CA ASP A 181 22.25 -2.46 10.85
C ASP A 181 21.53 -3.35 11.91
N LYS A 182 22.03 -3.34 13.17
CA LYS A 182 21.37 -4.12 14.22
C LYS A 182 20.43 -3.28 15.10
N GLU A 183 19.87 -2.19 14.54
CA GLU A 183 18.96 -1.30 15.27
C GLU A 183 17.49 -1.69 15.08
N TYR A 184 17.18 -2.99 15.20
CA TYR A 184 15.84 -3.54 15.05
C TYR A 184 15.57 -4.57 16.15
N ASP A 185 14.28 -4.80 16.47
CA ASP A 185 13.88 -5.79 17.48
C ASP A 185 12.42 -6.21 17.33
N LYS A 194 11.32 -7.95 12.63
CA LYS A 194 12.08 -6.96 13.40
C LYS A 194 11.75 -5.54 12.94
N LEU A 195 11.61 -4.62 13.90
CA LEU A 195 11.20 -3.25 13.62
C LEU A 195 12.18 -2.23 14.20
N PRO A 196 12.33 -1.07 13.54
CA PRO A 196 13.23 -0.03 14.07
C PRO A 196 12.48 0.83 15.08
N VAL A 197 12.19 0.24 16.25
CA VAL A 197 11.37 0.84 17.28
C VAL A 197 11.83 2.23 17.74
N LYS A 198 13.16 2.50 17.77
CA LYS A 198 13.65 3.81 18.20
C LYS A 198 13.41 4.94 17.19
N TRP A 199 13.05 4.61 15.97
CA TRP A 199 12.69 5.58 14.94
C TRP A 199 11.16 5.62 14.70
N MET A 200 10.39 4.72 15.32
CA MET A 200 8.96 4.61 15.11
C MET A 200 8.08 5.57 15.89
N ALA A 201 7.00 6.00 15.25
CA ALA A 201 6.03 6.87 15.89
C ALA A 201 5.27 6.11 16.96
N LEU A 202 4.74 6.84 17.93
CA LEU A 202 3.99 6.25 19.04
C LEU A 202 2.80 5.38 18.56
N GLU A 203 2.05 5.81 17.53
CA GLU A 203 0.93 5.02 17.01
C GLU A 203 1.38 3.77 16.21
N SER A 204 2.57 3.80 15.62
CA SER A 204 3.09 2.63 14.91
C SER A 204 3.59 1.59 15.94
N LEU A 205 4.16 2.03 17.08
CA LEU A 205 4.60 1.11 18.12
C LEU A 205 3.37 0.43 18.73
N GLN A 206 2.27 1.17 18.89
CA GLN A 206 1.07 0.65 19.51
C GLN A 206 0.17 -0.16 18.58
N THR A 207 -0.06 0.29 17.33
CA THR A 207 -0.97 -0.44 16.44
C THR A 207 -0.36 -0.97 15.16
N GLN A 208 0.95 -0.78 14.95
CA GLN A 208 1.67 -1.19 13.74
C GLN A 208 1.15 -0.48 12.49
N LYS A 209 0.67 0.77 12.66
CA LYS A 209 0.16 1.60 11.55
C LYS A 209 1.26 2.49 11.05
N PHE A 210 1.62 2.36 9.78
CA PHE A 210 2.65 3.18 9.17
C PHE A 210 2.04 4.11 8.14
N THR A 211 2.34 5.40 8.23
CA THR A 211 1.86 6.43 7.30
C THR A 211 3.00 7.45 6.99
N THR A 212 2.75 8.45 6.11
CA THR A 212 3.70 9.53 5.86
C THR A 212 3.95 10.31 7.18
N LYS A 213 2.91 10.42 8.05
CA LYS A 213 3.05 11.10 9.33
C LYS A 213 3.93 10.36 10.32
N SER A 214 4.01 9.01 10.20
CA SER A 214 4.94 8.26 11.04
C SER A 214 6.37 8.38 10.44
N ASP A 215 6.51 8.61 9.12
CA ASP A 215 7.80 8.89 8.46
C ASP A 215 8.30 10.29 8.94
N VAL A 216 7.38 11.24 9.19
CA VAL A 216 7.74 12.55 9.74
C VAL A 216 8.36 12.36 11.16
N TRP A 217 7.80 11.44 11.96
CA TRP A 217 8.37 11.13 13.28
C TRP A 217 9.79 10.59 13.12
N SER A 218 10.00 9.62 12.21
CA SER A 218 11.30 9.04 11.91
C SER A 218 12.28 10.11 11.41
N PHE A 219 11.79 11.05 10.61
CA PHE A 219 12.60 12.15 10.11
C PHE A 219 13.12 13.02 11.26
N GLY A 220 12.31 13.20 12.31
CA GLY A 220 12.74 13.94 13.49
C GLY A 220 13.92 13.28 14.17
N VAL A 221 13.84 11.94 14.35
CA VAL A 221 14.93 11.16 14.95
C VAL A 221 16.18 11.26 14.04
N LEU A 222 15.99 11.21 12.71
CA LEU A 222 17.09 11.36 11.77
C LEU A 222 17.82 12.73 11.92
N LEU A 223 17.06 13.84 12.09
CA LEU A 223 17.64 15.16 12.36
C LEU A 223 18.47 15.14 13.67
N TRP A 224 17.97 14.43 14.68
CA TRP A 224 18.69 14.29 15.94
C TRP A 224 19.98 13.49 15.73
N GLU A 225 19.97 12.41 14.92
CA GLU A 225 21.18 11.64 14.60
C GLU A 225 22.19 12.55 13.90
N LEU A 226 21.73 13.40 12.97
CA LEU A 226 22.61 14.34 12.28
C LEU A 226 23.26 15.34 13.22
N MET A 227 22.48 15.92 14.15
CA MET A 227 22.98 16.91 15.09
C MET A 227 23.85 16.33 16.19
N THR A 228 23.76 15.02 16.44
CA THR A 228 24.68 14.36 17.38
C THR A 228 25.81 13.62 16.64
N ARG A 229 25.87 13.71 15.31
CA ARG A 229 26.86 13.04 14.47
C ARG A 229 26.83 11.53 14.64
N GLY A 230 25.65 10.96 14.59
CA GLY A 230 25.48 9.52 14.60
C GLY A 230 25.39 8.83 15.93
N ALA A 231 25.04 9.58 17.00
CA ALA A 231 24.89 8.95 18.31
C ALA A 231 23.61 8.09 18.31
N PRO A 232 23.61 6.96 19.04
CA PRO A 232 22.41 6.11 19.05
C PRO A 232 21.32 6.79 19.87
N PRO A 233 20.08 6.85 19.36
CA PRO A 233 19.01 7.49 20.13
C PRO A 233 18.62 6.64 21.34
N TYR A 234 18.25 7.29 22.45
CA TYR A 234 17.86 6.63 23.70
C TYR A 234 18.88 5.51 24.09
N PRO A 235 20.17 5.85 24.24
CA PRO A 235 21.17 4.79 24.48
C PRO A 235 20.95 3.92 25.71
N ASP A 236 20.43 4.48 26.81
CA ASP A 236 20.17 3.68 28.01
C ASP A 236 18.72 3.20 28.08
N VAL A 237 18.08 3.01 26.94
CA VAL A 237 16.70 2.53 26.86
C VAL A 237 16.75 1.28 25.99
N ASN A 238 16.28 0.14 26.51
CA ASN A 238 16.23 -1.10 25.73
C ASN A 238 15.12 -0.94 24.68
N THR A 239 15.31 -1.54 23.49
CA THR A 239 14.31 -1.50 22.42
C THR A 239 12.89 -1.90 22.89
N PHE A 240 12.77 -2.86 23.83
CA PHE A 240 11.45 -3.26 24.33
C PHE A 240 10.75 -2.21 25.19
N ASP A 241 11.54 -1.33 25.84
CA ASP A 241 11.02 -0.30 26.73
C ASP A 241 10.46 0.99 26.06
N ILE A 242 10.81 1.28 24.78
CA ILE A 242 10.56 2.56 24.12
C ILE A 242 9.10 3.10 24.22
N THR A 243 8.06 2.25 24.11
CA THR A 243 6.67 2.74 24.19
C THR A 243 6.33 3.37 25.54
N VAL A 244 6.66 2.67 26.62
CA VAL A 244 6.42 3.16 27.98
C VAL A 244 7.20 4.45 28.22
N TYR A 245 8.45 4.48 27.74
CA TYR A 245 9.34 5.64 27.86
C TYR A 245 8.69 6.90 27.25
N LEU A 246 8.24 6.82 25.97
CA LEU A 246 7.60 7.93 25.27
C LEU A 246 6.31 8.36 25.93
N LEU A 247 5.54 7.40 26.48
CA LEU A 247 4.26 7.67 27.14
C LEU A 247 4.40 8.34 28.52
N GLN A 248 5.60 8.27 29.13
CA GLN A 248 5.83 8.97 30.38
C GLN A 248 5.92 10.52 30.21
N GLY A 249 6.09 10.98 28.98
CA GLY A 249 6.20 12.40 28.66
C GLY A 249 7.64 12.72 28.29
N ARG A 250 8.30 11.81 27.58
CA ARG A 250 9.71 11.95 27.23
C ARG A 250 9.98 12.00 25.75
N ARG A 251 11.02 12.73 25.39
CA ARG A 251 11.52 12.88 24.04
C ARG A 251 13.05 12.94 24.09
N LEU A 252 13.71 12.73 22.93
CA LEU A 252 15.16 12.87 22.82
C LEU A 252 15.56 14.32 23.22
N LEU A 253 16.65 14.45 23.97
CA LEU A 253 17.11 15.75 24.44
C LEU A 253 17.75 16.57 23.33
N GLN A 254 17.81 17.90 23.52
CA GLN A 254 18.40 18.77 22.53
C GLN A 254 19.90 18.59 22.49
N PRO A 255 20.45 18.23 21.33
CA PRO A 255 21.91 18.11 21.21
C PRO A 255 22.58 19.48 21.40
N GLU A 256 23.81 19.51 21.96
CA GLU A 256 24.50 20.76 22.27
C GLU A 256 24.73 21.70 21.08
N TYR A 257 24.96 21.18 19.85
CA TYR A 257 25.12 22.10 18.72
C TYR A 257 23.87 22.21 17.84
N CYS A 258 22.72 21.75 18.36
CA CYS A 258 21.48 21.84 17.64
C CYS A 258 20.84 23.21 17.89
N PRO A 259 20.62 23.99 16.82
CA PRO A 259 19.96 25.30 17.01
C PRO A 259 18.55 25.14 17.58
N ASP A 260 18.09 26.10 18.40
CA ASP A 260 16.75 26.04 18.97
C ASP A 260 15.62 25.81 17.93
N PRO A 261 15.52 26.61 16.84
CA PRO A 261 14.43 26.34 15.86
C PRO A 261 14.47 24.93 15.27
N LEU A 262 15.67 24.30 15.14
CA LEU A 262 15.76 22.92 14.65
C LEU A 262 15.25 21.94 15.71
N TYR A 263 15.47 22.22 17.01
CA TYR A 263 14.95 21.34 18.06
C TYR A 263 13.43 21.43 18.12
N GLU A 264 12.88 22.64 17.90
CA GLU A 264 11.44 22.87 17.82
C GLU A 264 10.83 22.08 16.65
N VAL A 265 11.53 22.00 15.51
CA VAL A 265 11.11 21.23 14.36
C VAL A 265 11.03 19.74 14.76
N MET A 266 12.07 19.22 15.44
CA MET A 266 12.12 17.83 15.91
C MET A 266 10.93 17.54 16.84
N LEU A 267 10.61 18.49 17.78
CA LEU A 267 9.51 18.34 18.71
C LEU A 267 8.17 18.31 17.99
N LYS A 268 8.02 19.09 16.89
CA LYS A 268 6.79 19.07 16.07
C LYS A 268 6.64 17.74 15.31
N CYS A 269 7.76 17.16 14.84
CA CYS A 269 7.80 15.84 14.18
C CYS A 269 7.31 14.75 15.13
N TRP A 270 7.60 14.90 16.43
CA TRP A 270 7.22 13.91 17.43
C TRP A 270 5.90 14.26 18.11
N HIS A 271 5.02 15.03 17.46
CA HIS A 271 3.71 15.38 18.03
C HIS A 271 2.92 14.10 18.30
N PRO A 272 2.29 13.96 19.48
CA PRO A 272 1.52 12.72 19.74
C PRO A 272 0.37 12.49 18.74
N LYS A 273 -0.17 13.57 18.15
CA LYS A 273 -1.23 13.44 17.15
C LYS A 273 -0.62 13.52 15.76
N ALA A 274 -0.65 12.41 15.02
CA ALA A 274 -0.08 12.27 13.68
C ALA A 274 -0.47 13.39 12.74
N GLU A 275 -1.76 13.74 12.69
CA GLU A 275 -2.29 14.79 11.81
C GLU A 275 -1.72 16.18 12.13
N MET A 276 -1.20 16.40 13.34
CA MET A 276 -0.61 17.68 13.74
C MET A 276 0.89 17.81 13.42
N ARG A 277 1.53 16.74 12.95
CA ARG A 277 2.93 16.77 12.57
C ARG A 277 3.08 17.55 11.27
N PRO A 278 4.20 18.26 11.10
CA PRO A 278 4.39 19.00 9.85
C PRO A 278 4.46 18.06 8.65
N SER A 279 4.08 18.56 7.48
CA SER A 279 4.22 17.80 6.26
C SER A 279 5.71 17.89 5.85
N PHE A 280 6.17 17.03 4.94
CA PHE A 280 7.53 17.12 4.42
C PHE A 280 7.72 18.41 3.60
N SER A 281 6.66 18.92 2.98
CA SER A 281 6.69 20.18 2.26
C SER A 281 6.97 21.36 3.25
N GLU A 282 6.32 21.33 4.42
CA GLU A 282 6.54 22.33 5.47
C GLU A 282 7.96 22.20 6.07
N LEU A 283 8.46 20.94 6.23
CA LEU A 283 9.79 20.67 6.75
C LEU A 283 10.86 21.19 5.79
N VAL A 284 10.66 21.04 4.47
CA VAL A 284 11.61 21.55 3.49
C VAL A 284 11.67 23.08 3.58
N SER A 285 10.51 23.71 3.64
CA SER A 285 10.41 25.17 3.73
C SER A 285 11.12 25.70 5.00
N ARG A 286 10.78 25.15 6.17
CA ARG A 286 11.31 25.57 7.46
C ARG A 286 12.80 25.28 7.63
N ILE A 287 13.26 24.11 7.19
CA ILE A 287 14.66 23.76 7.30
C ILE A 287 15.52 24.56 6.33
N SER A 288 14.99 24.88 5.13
CA SER A 288 15.75 25.69 4.18
C SER A 288 15.96 27.13 4.75
N ALA A 289 14.97 27.66 5.48
CA ALA A 289 15.10 28.95 6.18
C ALA A 289 16.20 28.89 7.28
N ILE A 290 16.23 27.84 8.13
CA ILE A 290 17.25 27.66 9.17
C ILE A 290 18.65 27.48 8.52
N PHE A 291 18.73 26.66 7.46
CA PHE A 291 19.97 26.41 6.75
C PHE A 291 20.56 27.71 6.20
N SER A 292 19.70 28.59 5.68
CA SER A 292 20.11 29.87 5.12
C SER A 292 20.68 30.87 6.15
N THR A 293 20.42 30.69 7.45
CA THR A 293 20.94 31.59 8.48
C THR A 293 22.45 31.31 8.80
N PHE A 294 23.01 30.17 8.33
CA PHE A 294 24.40 29.81 8.59
C PHE A 294 25.34 30.27 7.51
N ILE A 295 26.50 30.82 7.90
CA ILE A 295 27.52 31.29 6.97
C ILE A 295 28.28 30.10 6.35
N GLN B 14 -26.19 -21.31 -26.01
CA GLN B 14 -27.20 -20.30 -26.27
C GLN B 14 -26.65 -18.87 -26.06
N ALA B 15 -26.61 -18.37 -24.80
CA ALA B 15 -26.09 -17.03 -24.51
C ALA B 15 -24.55 -17.01 -24.50
N VAL B 16 -23.95 -18.13 -24.10
CA VAL B 16 -22.52 -18.37 -24.00
C VAL B 16 -21.82 -18.26 -25.37
N GLN B 17 -22.53 -18.59 -26.46
CA GLN B 17 -22.03 -18.56 -27.85
C GLN B 17 -21.29 -17.27 -28.26
N HIS B 18 -21.83 -16.10 -27.87
CA HIS B 18 -21.24 -14.81 -28.21
C HIS B 18 -20.01 -14.43 -27.35
N VAL B 19 -19.74 -15.17 -26.26
CA VAL B 19 -18.59 -14.88 -25.40
C VAL B 19 -17.61 -16.05 -25.28
N VAL B 20 -17.66 -17.03 -26.18
CA VAL B 20 -16.72 -18.16 -26.13
C VAL B 20 -15.34 -17.72 -26.59
N ILE B 21 -14.30 -18.11 -25.85
CA ILE B 21 -12.91 -17.82 -26.18
C ILE B 21 -12.26 -19.15 -26.54
N GLY B 22 -11.61 -19.21 -27.70
CA GLY B 22 -10.92 -20.42 -28.11
C GLY B 22 -9.70 -20.69 -27.26
N PRO B 23 -9.46 -21.95 -26.87
CA PRO B 23 -8.29 -22.27 -26.02
C PRO B 23 -6.94 -21.91 -26.64
N SER B 24 -6.88 -21.80 -27.98
CA SER B 24 -5.66 -21.40 -28.68
C SER B 24 -5.34 -19.91 -28.45
N SER B 25 -6.37 -19.08 -28.20
CA SER B 25 -6.22 -17.65 -27.96
C SER B 25 -5.95 -17.30 -26.48
N LEU B 26 -5.69 -18.29 -25.62
CA LEU B 26 -5.48 -18.02 -24.19
C LEU B 26 -4.25 -18.68 -23.58
N ILE B 27 -3.36 -17.88 -23.00
CA ILE B 27 -2.17 -18.39 -22.32
C ILE B 27 -2.38 -18.24 -20.80
N VAL B 28 -2.72 -19.32 -20.11
CA VAL B 28 -2.95 -19.28 -18.67
C VAL B 28 -1.66 -19.63 -17.95
N HIS B 29 -1.19 -18.75 -17.06
CA HIS B 29 0.04 -18.98 -16.33
C HIS B 29 -0.32 -19.61 -14.99
N PHE B 30 -0.37 -20.96 -14.96
CA PHE B 30 -0.78 -21.73 -13.78
C PHE B 30 0.22 -21.71 -12.62
N ASN B 31 1.44 -21.26 -12.87
CA ASN B 31 2.47 -21.15 -11.84
C ASN B 31 2.33 -19.86 -11.02
N GLU B 32 1.67 -18.82 -11.58
CA GLU B 32 1.51 -17.54 -10.89
C GLU B 32 0.06 -17.30 -10.42
N VAL B 33 -0.24 -17.69 -9.18
CA VAL B 33 -1.58 -17.53 -8.61
C VAL B 33 -1.73 -16.16 -7.97
N ILE B 34 -2.69 -15.37 -8.44
CA ILE B 34 -2.91 -14.00 -7.94
C ILE B 34 -4.17 -13.85 -7.04
N GLY B 35 -4.92 -14.93 -6.86
CA GLY B 35 -6.11 -14.95 -6.03
C GLY B 35 -6.57 -16.37 -5.80
N ARG B 36 -7.21 -16.65 -4.67
CA ARG B 36 -7.68 -17.99 -4.36
C ARG B 36 -9.14 -17.98 -3.91
N GLY B 37 -9.95 -18.85 -4.49
CA GLY B 37 -11.35 -19.01 -4.12
C GLY B 37 -11.72 -20.44 -3.79
N HIS B 38 -12.94 -20.64 -3.26
CA HIS B 38 -13.48 -21.95 -2.91
C HIS B 38 -13.82 -22.79 -4.16
N PHE B 39 -14.15 -22.13 -5.27
CA PHE B 39 -14.51 -22.79 -6.53
C PHE B 39 -13.32 -22.97 -7.48
N GLY B 40 -12.27 -22.20 -7.30
CA GLY B 40 -11.10 -22.27 -8.16
C GLY B 40 -10.10 -21.19 -7.81
N CYS B 41 -9.20 -20.86 -8.74
CA CYS B 41 -8.20 -19.84 -8.47
C CYS B 41 -8.04 -18.83 -9.58
N VAL B 42 -7.41 -17.70 -9.26
CA VAL B 42 -7.18 -16.61 -10.19
C VAL B 42 -5.72 -16.67 -10.61
N TYR B 43 -5.46 -16.67 -11.92
CA TYR B 43 -4.12 -16.74 -12.46
C TYR B 43 -3.88 -15.57 -13.41
N HIS B 44 -2.62 -15.21 -13.65
CA HIS B 44 -2.29 -14.21 -14.68
C HIS B 44 -2.55 -14.92 -16.02
N GLY B 45 -3.16 -14.23 -16.94
CA GLY B 45 -3.45 -14.77 -18.26
C GLY B 45 -3.06 -13.83 -19.38
N THR B 46 -2.98 -14.37 -20.60
CA THR B 46 -2.63 -13.56 -21.76
C THR B 46 -3.59 -13.86 -22.90
N LEU B 47 -4.54 -12.96 -23.17
CA LEU B 47 -5.52 -13.17 -24.23
C LEU B 47 -4.94 -12.65 -25.56
N LEU B 48 -4.93 -13.50 -26.58
CA LEU B 48 -4.36 -13.17 -27.90
C LEU B 48 -5.35 -12.56 -28.89
N ASP B 49 -4.81 -11.75 -29.83
CA ASP B 49 -5.51 -11.02 -30.89
C ASP B 49 -6.68 -10.17 -30.38
N LYS B 53 -1.91 -8.94 -31.06
CA LYS B 53 -1.79 -8.16 -29.84
C LYS B 53 -2.10 -9.03 -28.63
N LYS B 54 -1.35 -8.86 -27.54
CA LYS B 54 -1.59 -9.62 -26.32
C LYS B 54 -2.17 -8.70 -25.26
N ILE B 55 -3.25 -9.12 -24.61
CA ILE B 55 -3.88 -8.34 -23.55
C ILE B 55 -3.72 -9.11 -22.24
N HIS B 56 -3.18 -8.47 -21.20
CA HIS B 56 -3.01 -9.10 -19.90
C HIS B 56 -4.41 -9.24 -19.28
N CYS B 57 -4.73 -10.44 -18.80
CA CYS B 57 -6.01 -10.72 -18.22
C CYS B 57 -5.87 -11.54 -16.92
N ALA B 58 -6.98 -11.75 -16.23
CA ALA B 58 -7.03 -12.57 -15.04
C ALA B 58 -7.93 -13.74 -15.41
N VAL B 59 -7.45 -14.96 -15.19
CA VAL B 59 -8.21 -16.15 -15.52
C VAL B 59 -8.72 -16.78 -14.23
N LYS B 60 -10.03 -17.00 -14.17
CA LYS B 60 -10.63 -17.59 -12.98
C LYS B 60 -11.18 -18.99 -13.25
N SER B 61 -10.51 -19.99 -12.69
CA SER B 61 -10.95 -21.36 -12.86
C SER B 61 -12.10 -21.72 -11.92
N LEU B 62 -12.85 -22.75 -12.31
CA LEU B 62 -13.99 -23.29 -11.60
C LEU B 62 -13.67 -24.78 -11.55
N ASN B 63 -12.58 -25.12 -10.86
CA ASN B 63 -12.05 -26.48 -10.81
C ASN B 63 -12.52 -27.30 -9.62
N ARG B 64 -13.01 -26.64 -8.58
CA ARG B 64 -13.48 -27.32 -7.39
C ARG B 64 -15.02 -27.43 -7.34
N GLY B 69 -22.60 -30.63 -13.63
CA GLY B 69 -23.97 -30.36 -13.17
C GLY B 69 -24.12 -29.02 -12.49
N GLU B 70 -23.47 -28.85 -11.33
CA GLU B 70 -23.51 -27.58 -10.61
C GLU B 70 -22.73 -26.47 -11.32
N VAL B 71 -21.82 -26.84 -12.25
CA VAL B 71 -21.05 -25.94 -13.08
C VAL B 71 -22.02 -25.29 -14.08
N SER B 72 -22.90 -26.09 -14.71
CA SER B 72 -23.92 -25.62 -15.65
C SER B 72 -24.83 -24.58 -14.97
N GLN B 73 -25.25 -24.88 -13.72
CA GLN B 73 -26.11 -23.97 -12.96
C GLN B 73 -25.38 -22.67 -12.67
N PHE B 74 -24.12 -22.76 -12.23
CA PHE B 74 -23.29 -21.60 -11.93
C PHE B 74 -23.15 -20.70 -13.17
N LEU B 75 -22.86 -21.31 -14.34
CA LEU B 75 -22.71 -20.58 -15.59
C LEU B 75 -24.02 -19.94 -16.03
N THR B 76 -25.15 -20.65 -15.81
CA THR B 76 -26.49 -20.18 -16.13
C THR B 76 -26.80 -18.93 -15.32
N GLU B 77 -26.49 -18.95 -14.01
CA GLU B 77 -26.73 -17.85 -13.09
C GLU B 77 -25.86 -16.63 -13.38
N GLY B 78 -24.62 -16.89 -13.76
CA GLY B 78 -23.67 -15.81 -13.99
C GLY B 78 -23.56 -15.27 -15.40
N ILE B 79 -24.27 -15.84 -16.37
CA ILE B 79 -24.17 -15.40 -17.76
C ILE B 79 -24.78 -13.99 -17.97
N ILE B 80 -25.70 -13.54 -17.09
CA ILE B 80 -26.28 -12.18 -17.20
C ILE B 80 -25.20 -11.06 -17.15
N MET B 81 -24.05 -11.36 -16.53
CA MET B 81 -22.86 -10.55 -16.39
C MET B 81 -22.41 -9.90 -17.72
N LYS B 82 -22.49 -10.64 -18.85
CA LYS B 82 -22.09 -10.16 -20.18
C LYS B 82 -22.92 -8.96 -20.65
N ASP B 83 -24.17 -8.84 -20.16
CA ASP B 83 -25.06 -7.73 -20.52
C ASP B 83 -24.80 -6.45 -19.68
N PHE B 84 -23.97 -6.52 -18.63
CA PHE B 84 -23.70 -5.37 -17.79
C PHE B 84 -22.52 -4.59 -18.36
N SER B 85 -22.60 -3.26 -18.27
CA SER B 85 -21.53 -2.41 -18.76
C SER B 85 -21.53 -1.10 -18.01
N HIS B 86 -20.59 -0.93 -17.09
CA HIS B 86 -20.45 0.29 -16.30
C HIS B 86 -18.98 0.43 -15.88
N PRO B 87 -18.40 1.65 -15.87
CA PRO B 87 -16.97 1.79 -15.50
C PRO B 87 -16.61 1.32 -14.08
N ASN B 88 -17.60 1.23 -13.20
CA ASN B 88 -17.34 0.77 -11.83
C ASN B 88 -17.88 -0.62 -11.56
N VAL B 89 -18.03 -1.44 -12.60
CA VAL B 89 -18.55 -2.79 -12.47
C VAL B 89 -17.66 -3.67 -13.32
N LEU B 90 -17.17 -4.77 -12.74
CA LEU B 90 -16.32 -5.72 -13.45
C LEU B 90 -17.00 -6.26 -14.71
N SER B 91 -16.32 -6.23 -15.84
CA SER B 91 -16.87 -6.78 -17.08
C SER B 91 -16.32 -8.20 -17.31
N LEU B 92 -16.92 -8.94 -18.23
CA LEU B 92 -16.50 -10.29 -18.55
C LEU B 92 -15.85 -10.25 -19.92
N LEU B 93 -14.61 -10.74 -20.03
CA LEU B 93 -13.94 -10.80 -21.32
C LEU B 93 -14.46 -12.01 -22.13
N GLY B 94 -14.70 -13.13 -21.44
CA GLY B 94 -15.24 -14.32 -22.10
C GLY B 94 -15.08 -15.59 -21.30
N ILE B 95 -15.54 -16.72 -21.85
CA ILE B 95 -15.41 -18.00 -21.18
C ILE B 95 -14.61 -18.94 -22.06
N CYS B 96 -13.58 -19.55 -21.52
CA CYS B 96 -12.77 -20.50 -22.27
C CYS B 96 -13.29 -21.90 -21.98
N LEU B 97 -13.99 -22.49 -22.94
CA LEU B 97 -14.49 -23.85 -22.81
C LEU B 97 -13.40 -24.84 -23.23
N ARG B 98 -13.26 -25.93 -22.48
CA ARG B 98 -12.25 -26.94 -22.79
C ARG B 98 -12.72 -28.32 -22.32
N SER B 102 -13.17 -28.39 -17.42
CA SER B 102 -13.61 -27.33 -16.51
C SER B 102 -13.49 -25.96 -17.19
N PRO B 103 -14.57 -25.19 -17.23
CA PRO B 103 -14.52 -23.88 -17.90
C PRO B 103 -13.70 -22.84 -17.15
N LEU B 104 -13.07 -21.95 -17.90
CA LEU B 104 -12.27 -20.88 -17.35
C LEU B 104 -12.96 -19.56 -17.62
N VAL B 105 -13.07 -18.71 -16.60
CA VAL B 105 -13.72 -17.41 -16.74
C VAL B 105 -12.63 -16.37 -17.01
N VAL B 106 -12.72 -15.67 -18.12
CA VAL B 106 -11.73 -14.66 -18.50
C VAL B 106 -12.22 -13.28 -18.10
N LEU B 107 -11.46 -12.64 -17.20
CA LEU B 107 -11.79 -11.34 -16.65
C LEU B 107 -10.66 -10.33 -16.91
N PRO B 108 -10.94 -9.02 -16.88
CA PRO B 108 -9.87 -8.04 -17.08
C PRO B 108 -8.92 -8.03 -15.89
N TYR B 109 -7.63 -7.82 -16.16
CA TYR B 109 -6.62 -7.77 -15.12
C TYR B 109 -6.77 -6.53 -14.27
N MET B 110 -6.76 -6.70 -12.96
CA MET B 110 -6.87 -5.59 -12.04
C MET B 110 -5.51 -5.40 -11.36
N LYS B 111 -4.65 -4.54 -11.92
CA LYS B 111 -3.29 -4.29 -11.47
C LYS B 111 -3.10 -4.19 -9.97
N HIS B 112 -3.94 -3.40 -9.28
CA HIS B 112 -3.76 -3.20 -7.85
C HIS B 112 -4.59 -4.17 -6.97
N GLY B 113 -5.13 -5.23 -7.57
CA GLY B 113 -5.84 -6.26 -6.83
C GLY B 113 -7.07 -5.79 -6.07
N ASP B 114 -7.45 -6.52 -5.01
CA ASP B 114 -8.65 -6.17 -4.25
C ASP B 114 -8.48 -4.92 -3.40
N LEU B 115 -9.56 -4.16 -3.28
CA LEU B 115 -9.64 -2.91 -2.54
C LEU B 115 -9.20 -3.02 -1.07
N ARG B 116 -9.54 -4.14 -0.40
CA ARG B 116 -9.16 -4.32 0.99
C ARG B 116 -7.63 -4.47 1.17
N ASN B 117 -6.98 -5.31 0.37
CA ASN B 117 -5.53 -5.46 0.45
C ASN B 117 -4.85 -4.18 0.00
N PHE B 118 -5.43 -3.45 -0.98
CA PHE B 118 -4.87 -2.20 -1.44
C PHE B 118 -4.80 -1.16 -0.31
N ILE B 119 -5.90 -0.98 0.45
CA ILE B 119 -5.91 0.02 1.52
C ILE B 119 -5.15 -0.42 2.77
N ARG B 120 -4.87 -1.72 2.93
CA ARG B 120 -4.09 -2.19 4.07
C ARG B 120 -2.58 -2.13 3.81
N ASN B 121 -2.15 -1.96 2.55
CA ASN B 121 -0.74 -1.94 2.22
C ASN B 121 -0.08 -0.71 2.85
N GLU B 122 0.84 -0.96 3.79
CA GLU B 122 1.51 0.10 4.51
C GLU B 122 2.54 0.89 3.69
N THR B 123 2.91 0.40 2.52
CA THR B 123 3.81 1.13 1.63
C THR B 123 3.05 2.25 0.89
N HIS B 124 1.70 2.17 0.82
CA HIS B 124 0.85 3.15 0.16
CA HIS B 124 0.92 3.21 0.17
C HIS B 124 0.17 4.04 1.20
N ASN B 125 -0.01 5.34 0.93
CA ASN B 125 -0.76 6.22 1.85
C ASN B 125 -1.93 6.87 1.11
N PRO B 126 -3.07 6.16 0.91
CA PRO B 126 -4.25 6.82 0.31
C PRO B 126 -4.77 7.85 1.32
N THR B 127 -5.09 9.05 0.84
CA THR B 127 -5.60 10.09 1.72
C THR B 127 -7.06 9.77 2.13
N VAL B 128 -7.64 10.58 3.05
CA VAL B 128 -9.03 10.41 3.43
C VAL B 128 -9.94 10.66 2.19
N LYS B 129 -9.57 11.65 1.34
CA LYS B 129 -10.27 11.95 0.08
C LYS B 129 -10.20 10.76 -0.90
N ASP B 130 -9.01 10.14 -1.06
CA ASP B 130 -8.88 8.96 -1.93
C ASP B 130 -9.80 7.83 -1.46
N LEU B 131 -9.86 7.58 -0.15
CA LEU B 131 -10.70 6.54 0.44
C LEU B 131 -12.20 6.81 0.22
N ILE B 132 -12.63 8.07 0.38
CA ILE B 132 -14.00 8.50 0.11
C ILE B 132 -14.31 8.32 -1.40
N GLY B 133 -13.34 8.66 -2.25
CA GLY B 133 -13.41 8.48 -3.69
C GLY B 133 -13.58 7.04 -4.10
N PHE B 134 -12.90 6.12 -3.40
CA PHE B 134 -13.09 4.68 -3.65
C PHE B 134 -14.54 4.27 -3.27
N GLY B 135 -15.08 4.80 -2.18
CA GLY B 135 -16.45 4.52 -1.74
C GLY B 135 -17.50 5.03 -2.70
N LEU B 136 -17.25 6.22 -3.28
CA LEU B 136 -18.10 6.86 -4.27
C LEU B 136 -18.13 6.03 -5.55
N GLN B 137 -17.00 5.49 -5.95
CA GLN B 137 -16.93 4.62 -7.12
C GLN B 137 -17.73 3.34 -6.93
N VAL B 138 -17.67 2.73 -5.72
CA VAL B 138 -18.45 1.54 -5.38
C VAL B 138 -19.95 1.85 -5.45
N ALA B 139 -20.34 3.01 -4.91
CA ALA B 139 -21.73 3.44 -4.89
C ALA B 139 -22.27 3.64 -6.31
N LYS B 140 -21.41 4.13 -7.25
CA LYS B 140 -21.78 4.29 -8.65
C LYS B 140 -21.99 2.94 -9.32
N GLY B 141 -21.11 2.00 -9.05
CA GLY B 141 -21.25 0.65 -9.59
C GLY B 141 -22.49 -0.04 -9.06
N MET B 142 -22.75 0.13 -7.77
CA MET B 142 -23.95 -0.44 -7.15
C MET B 142 -25.23 0.18 -7.65
N LYS B 143 -25.18 1.49 -7.97
CA LYS B 143 -26.33 2.22 -8.50
C LYS B 143 -26.68 1.61 -9.86
N TYR B 144 -25.66 1.29 -10.68
CA TYR B 144 -25.89 0.61 -11.95
C TYR B 144 -26.50 -0.78 -11.74
N LEU B 145 -25.90 -1.60 -10.86
CA LEU B 145 -26.43 -2.94 -10.60
C LEU B 145 -27.87 -2.92 -10.08
N ALA B 146 -28.22 -1.99 -9.16
CA ALA B 146 -29.55 -1.83 -8.61
C ALA B 146 -30.54 -1.41 -9.68
N SER B 147 -30.12 -0.57 -10.65
CA SER B 147 -30.98 -0.15 -11.77
C SER B 147 -31.32 -1.35 -12.69
N LYS B 148 -30.44 -2.35 -12.75
CA LYS B 148 -30.69 -3.58 -13.50
C LYS B 148 -31.43 -4.64 -12.64
N LYS B 149 -31.80 -4.28 -11.38
CA LYS B 149 -32.45 -5.13 -10.39
C LYS B 149 -31.58 -6.33 -10.03
N PHE B 150 -30.26 -6.10 -10.01
CA PHE B 150 -29.32 -7.14 -9.69
C PHE B 150 -28.88 -6.95 -8.25
N VAL B 151 -29.02 -7.99 -7.43
CA VAL B 151 -28.65 -7.94 -6.03
C VAL B 151 -27.31 -8.65 -5.87
N HIS B 152 -26.30 -7.96 -5.31
CA HIS B 152 -24.96 -8.49 -5.15
C HIS B 152 -24.89 -9.60 -4.13
N ARG B 153 -25.42 -9.37 -2.91
CA ARG B 153 -25.47 -10.33 -1.79
C ARG B 153 -24.14 -10.52 -1.07
N ASP B 154 -23.03 -9.95 -1.58
CA ASP B 154 -21.70 -10.10 -0.99
C ASP B 154 -20.82 -8.84 -1.22
N LEU B 155 -21.38 -7.63 -0.99
CA LEU B 155 -20.61 -6.41 -1.14
C LEU B 155 -19.71 -6.25 0.09
N ALA B 156 -18.41 -6.07 -0.17
CA ALA B 156 -17.34 -5.94 0.83
C ALA B 156 -16.08 -5.44 0.08
N ALA B 157 -15.15 -4.79 0.80
CA ALA B 157 -13.93 -4.25 0.18
C ALA B 157 -13.07 -5.31 -0.49
N ARG B 158 -13.06 -6.55 0.04
CA ARG B 158 -12.32 -7.66 -0.57
C ARG B 158 -12.88 -8.04 -1.94
N ASN B 159 -14.16 -7.73 -2.18
CA ASN B 159 -14.86 -8.10 -3.39
C ASN B 159 -14.92 -7.01 -4.46
N CYS B 160 -14.20 -5.91 -4.27
CA CYS B 160 -14.06 -4.84 -5.26
C CYS B 160 -12.60 -4.86 -5.69
N MET B 161 -12.34 -4.54 -6.95
CA MET B 161 -10.98 -4.53 -7.48
C MET B 161 -10.53 -3.14 -7.94
N LEU B 162 -9.21 -2.91 -8.07
CA LEU B 162 -8.70 -1.63 -8.55
C LEU B 162 -7.88 -1.89 -9.78
N ASP B 163 -8.17 -1.18 -10.87
CA ASP B 163 -7.38 -1.33 -12.09
C ASP B 163 -6.15 -0.38 -12.10
N GLU B 164 -5.37 -0.36 -13.19
CA GLU B 164 -4.17 0.46 -13.36
C GLU B 164 -4.41 1.97 -13.19
N LYS B 165 -5.64 2.43 -13.42
CA LYS B 165 -5.98 3.84 -13.24
C LYS B 165 -6.60 4.14 -11.87
N PHE B 166 -6.53 3.18 -10.91
CA PHE B 166 -7.14 3.28 -9.59
C PHE B 166 -8.67 3.41 -9.68
N THR B 167 -9.28 2.84 -10.75
CA THR B 167 -10.72 2.81 -10.91
C THR B 167 -11.20 1.55 -10.20
N VAL B 168 -12.19 1.71 -9.33
CA VAL B 168 -12.76 0.63 -8.56
C VAL B 168 -13.81 -0.10 -9.39
N LYS B 169 -13.73 -1.42 -9.39
CA LYS B 169 -14.70 -2.24 -10.06
C LYS B 169 -15.40 -3.06 -9.01
N VAL B 170 -16.74 -2.99 -8.97
CA VAL B 170 -17.53 -3.88 -8.11
C VAL B 170 -17.41 -5.27 -8.79
N ALA B 171 -16.84 -6.22 -8.07
CA ALA B 171 -16.55 -7.53 -8.66
C ALA B 171 -17.23 -8.67 -7.83
N ASP B 172 -16.86 -9.98 -7.95
CA ASP B 172 -17.43 -11.07 -7.16
C ASP B 172 -18.95 -11.20 -7.33
N PHE B 173 -19.39 -11.21 -8.56
CA PHE B 173 -20.80 -11.42 -8.90
C PHE B 173 -20.78 -12.12 -10.27
N GLY B 174 -21.85 -12.84 -10.58
CA GLY B 174 -21.93 -13.57 -11.85
C GLY B 174 -20.92 -14.69 -11.90
N LEU B 175 -20.20 -14.80 -13.02
CA LEU B 175 -19.17 -15.82 -13.19
C LEU B 175 -17.96 -15.61 -12.23
N ALA B 176 -17.79 -14.40 -11.70
CA ALA B 176 -16.68 -14.14 -10.77
C ALA B 176 -17.07 -14.35 -9.29
N ARG B 177 -18.31 -14.81 -9.02
CA ARG B 177 -18.79 -15.10 -7.68
C ARG B 177 -18.00 -16.25 -7.07
N ASP B 178 -17.46 -16.01 -5.86
CA ASP B 178 -16.66 -16.95 -5.08
C ASP B 178 -16.33 -16.33 -3.71
N MET B 179 -15.85 -17.18 -2.79
CA MET B 179 -15.43 -16.74 -1.47
C MET B 179 -13.92 -16.60 -1.57
N TYR B 180 -13.44 -15.37 -1.65
CA TYR B 180 -12.02 -15.10 -1.79
C TYR B 180 -11.25 -14.92 -0.48
N ASP B 181 -11.96 -14.77 0.64
CA ASP B 181 -11.38 -14.54 1.97
C ASP B 181 -11.99 -15.53 3.01
N LYS B 182 -11.51 -15.50 4.27
CA LYS B 182 -12.09 -16.35 5.31
C LYS B 182 -13.12 -15.62 6.19
N GLU B 183 -13.76 -14.58 5.65
CA GLU B 183 -14.77 -13.80 6.37
C GLU B 183 -16.20 -14.29 6.11
N TYR B 184 -16.38 -15.62 6.04
CA TYR B 184 -17.66 -16.26 5.78
C TYR B 184 -17.88 -17.38 6.83
N ALA B 193 -23.90 -23.87 4.21
CA ALA B 193 -23.55 -22.68 3.42
C ALA B 193 -22.86 -21.63 4.28
N LYS B 194 -21.78 -21.01 3.76
CA LYS B 194 -21.08 -19.97 4.51
C LYS B 194 -21.56 -18.59 4.04
N LEU B 195 -21.78 -17.68 4.99
CA LEU B 195 -22.31 -16.35 4.70
C LEU B 195 -21.42 -15.25 5.30
N PRO B 196 -21.34 -14.09 4.64
CA PRO B 196 -20.51 -12.99 5.20
C PRO B 196 -21.33 -12.19 6.22
N VAL B 197 -21.63 -12.81 7.36
CA VAL B 197 -22.53 -12.28 8.39
C VAL B 197 -22.18 -10.87 8.87
N LYS B 198 -20.89 -10.49 8.93
CA LYS B 198 -20.50 -9.16 9.40
C LYS B 198 -20.82 -8.02 8.41
N TRP B 199 -21.16 -8.37 7.16
CA TRP B 199 -21.57 -7.39 6.15
C TRP B 199 -23.10 -7.47 5.90
N MET B 200 -23.80 -8.44 6.49
CA MET B 200 -25.21 -8.67 6.23
C MET B 200 -26.16 -7.80 7.04
N ALA B 201 -27.28 -7.43 6.37
CA ALA B 201 -28.33 -6.66 7.03
C ALA B 201 -29.04 -7.52 8.05
N LEU B 202 -29.64 -6.86 9.04
CA LEU B 202 -30.36 -7.54 10.10
C LEU B 202 -31.46 -8.48 9.58
N GLU B 203 -32.22 -8.09 8.55
CA GLU B 203 -33.27 -8.94 7.98
C GLU B 203 -32.72 -10.13 7.14
N SER B 204 -31.52 -10.01 6.59
CA SER B 204 -30.86 -11.09 5.84
C SER B 204 -30.27 -12.13 6.83
N LEU B 205 -29.83 -11.67 8.02
CA LEU B 205 -29.33 -12.59 9.05
C LEU B 205 -30.50 -13.39 9.61
N GLN B 206 -31.66 -12.74 9.78
CA GLN B 206 -32.84 -13.36 10.34
C GLN B 206 -33.64 -14.22 9.37
N THR B 207 -33.91 -13.74 8.14
CA THR B 207 -34.74 -14.52 7.21
C THR B 207 -34.07 -14.95 5.91
N GLN B 208 -32.78 -14.65 5.75
CA GLN B 208 -32.03 -14.98 4.53
C GLN B 208 -32.58 -14.26 3.28
N LYS B 209 -33.16 -13.07 3.48
CA LYS B 209 -33.71 -12.25 2.41
C LYS B 209 -32.63 -11.25 1.96
N PHE B 210 -32.16 -11.33 0.71
CA PHE B 210 -31.16 -10.39 0.22
C PHE B 210 -31.72 -9.48 -0.91
N THR B 211 -31.86 -8.17 -0.65
CA THR B 211 -32.41 -7.18 -1.57
C THR B 211 -31.37 -6.06 -1.85
N THR B 212 -31.68 -5.07 -2.70
CA THR B 212 -30.82 -3.92 -2.93
C THR B 212 -30.64 -3.15 -1.59
N LYS B 213 -31.69 -3.13 -0.73
CA LYS B 213 -31.61 -2.48 0.57
C LYS B 213 -30.67 -3.18 1.55
N SER B 214 -30.49 -4.49 1.40
CA SER B 214 -29.51 -5.21 2.22
C SER B 214 -28.08 -4.98 1.64
N ASP B 215 -27.96 -4.70 0.32
CA ASP B 215 -26.70 -4.31 -0.29
C ASP B 215 -26.31 -2.91 0.22
N VAL B 216 -27.30 -2.01 0.49
CA VAL B 216 -27.03 -0.70 1.06
C VAL B 216 -26.40 -0.89 2.49
N TRP B 217 -26.90 -1.87 3.27
CA TRP B 217 -26.32 -2.17 4.57
C TRP B 217 -24.86 -2.60 4.42
N SER B 218 -24.57 -3.54 3.48
CA SER B 218 -23.22 -4.01 3.17
C SER B 218 -22.33 -2.85 2.71
N PHE B 219 -22.88 -1.93 1.93
CA PHE B 219 -22.18 -0.75 1.47
C PHE B 219 -21.73 0.13 2.63
N GLY B 220 -22.54 0.21 3.69
CA GLY B 220 -22.18 0.96 4.88
C GLY B 220 -20.96 0.37 5.56
N VAL B 221 -20.92 -0.98 5.71
CA VAL B 221 -19.78 -1.67 6.31
C VAL B 221 -18.55 -1.47 5.42
N LEU B 222 -18.70 -1.53 4.07
CA LEU B 222 -17.58 -1.26 3.15
C LEU B 222 -17.01 0.19 3.35
N LEU B 223 -17.86 1.22 3.53
CA LEU B 223 -17.38 2.58 3.83
C LEU B 223 -16.58 2.60 5.13
N TRP B 224 -17.02 1.83 6.13
CA TRP B 224 -16.31 1.72 7.40
C TRP B 224 -14.95 1.03 7.19
N GLU B 225 -14.88 -0.03 6.35
CA GLU B 225 -13.61 -0.69 6.02
C GLU B 225 -12.67 0.31 5.34
N LEU B 226 -13.19 1.13 4.44
CA LEU B 226 -12.38 2.15 3.76
C LEU B 226 -11.81 3.18 4.74
N MET B 227 -12.65 3.68 5.67
CA MET B 227 -12.23 4.68 6.64
C MET B 227 -11.33 4.14 7.72
N THR B 228 -11.31 2.84 7.95
CA THR B 228 -10.35 2.23 8.89
C THR B 228 -9.15 1.60 8.15
N ARG B 229 -9.10 1.70 6.82
CA ARG B 229 -8.06 1.12 5.98
C ARG B 229 -7.97 -0.38 6.13
N GLY B 230 -9.11 -1.03 6.06
CA GLY B 230 -9.16 -2.48 6.04
C GLY B 230 -9.21 -3.19 7.37
N ALA B 231 -9.62 -2.50 8.45
CA ALA B 231 -9.73 -3.17 9.75
C ALA B 231 -10.94 -4.12 9.71
N PRO B 232 -10.85 -5.27 10.41
CA PRO B 232 -11.99 -6.20 10.41
C PRO B 232 -13.13 -5.63 11.24
N PRO B 233 -14.37 -5.66 10.72
CA PRO B 233 -15.50 -5.12 11.49
C PRO B 233 -15.84 -6.01 12.67
N TYR B 234 -16.27 -5.41 13.78
CA TYR B 234 -16.63 -6.12 15.02
C TYR B 234 -15.55 -7.17 15.41
N PRO B 235 -14.27 -6.76 15.59
CA PRO B 235 -13.20 -7.73 15.83
C PRO B 235 -13.41 -8.63 17.06
N ASP B 236 -13.98 -8.10 18.15
CA ASP B 236 -14.22 -8.90 19.35
C ASP B 236 -15.63 -9.50 19.39
N VAL B 237 -16.23 -9.75 18.23
CA VAL B 237 -17.56 -10.34 18.12
C VAL B 237 -17.41 -11.57 17.24
N ASN B 238 -17.79 -12.74 17.73
CA ASN B 238 -17.74 -13.96 16.95
C ASN B 238 -18.82 -13.87 15.86
N THR B 239 -18.56 -14.47 14.69
CA THR B 239 -19.51 -14.48 13.57
C THR B 239 -20.89 -15.00 13.97
N PHE B 240 -20.94 -16.03 14.82
CA PHE B 240 -22.21 -16.61 15.26
C PHE B 240 -23.00 -15.75 16.26
N ASP B 241 -22.44 -14.61 16.70
CA ASP B 241 -23.08 -13.73 17.68
C ASP B 241 -23.49 -12.33 17.12
N ILE B 242 -23.32 -12.07 15.82
CA ILE B 242 -23.62 -10.77 15.23
C ILE B 242 -25.11 -10.35 15.31
N THR B 243 -26.08 -11.27 15.14
CA THR B 243 -27.51 -10.90 15.19
C THR B 243 -27.94 -10.32 16.54
N VAL B 244 -27.59 -11.02 17.63
CA VAL B 244 -27.88 -10.59 18.99
C VAL B 244 -27.22 -9.24 19.26
N TYR B 245 -25.96 -9.08 18.83
CA TYR B 245 -25.18 -7.87 18.99
C TYR B 245 -25.89 -6.66 18.39
N LEU B 246 -26.30 -6.74 17.12
CA LEU B 246 -27.00 -5.67 16.40
C LEU B 246 -28.35 -5.36 17.03
N LEU B 247 -29.06 -6.38 17.53
CA LEU B 247 -30.36 -6.22 18.17
C LEU B 247 -30.32 -5.55 19.54
N GLN B 248 -29.14 -5.54 20.19
CA GLN B 248 -29.00 -4.84 21.47
C GLN B 248 -29.02 -3.31 21.32
N GLY B 249 -28.85 -2.80 20.10
CA GLY B 249 -28.82 -1.37 19.81
C GLY B 249 -27.40 -0.94 19.51
N ARG B 250 -26.64 -1.80 18.81
CA ARG B 250 -25.23 -1.54 18.53
C ARG B 250 -24.90 -1.46 17.06
N ARG B 251 -23.89 -0.64 16.76
CA ARG B 251 -23.39 -0.41 15.40
C ARG B 251 -21.88 -0.23 15.46
N LEU B 252 -21.20 -0.36 14.32
CA LEU B 252 -19.77 -0.09 14.21
C LEU B 252 -19.49 1.37 14.64
N LEU B 253 -18.43 1.57 15.42
CA LEU B 253 -18.06 2.89 15.90
C LEU B 253 -17.48 3.76 14.80
N GLN B 254 -17.52 5.09 15.00
CA GLN B 254 -16.98 6.02 14.03
C GLN B 254 -15.47 5.94 14.00
N PRO B 255 -14.87 5.61 12.83
CA PRO B 255 -13.40 5.62 12.72
C PRO B 255 -12.85 7.02 12.98
N GLU B 256 -11.64 7.12 13.60
CA GLU B 256 -11.07 8.43 13.96
C GLU B 256 -10.90 9.41 12.80
N TYR B 257 -10.61 8.96 11.58
CA TYR B 257 -10.51 9.93 10.46
C TYR B 257 -11.75 9.97 9.57
N CYS B 258 -12.86 9.41 10.04
CA CYS B 258 -14.10 9.43 9.29
C CYS B 258 -14.83 10.75 9.55
N PRO B 259 -15.11 11.54 8.51
CA PRO B 259 -15.85 12.80 8.71
C PRO B 259 -17.26 12.51 9.25
N ASP B 260 -17.79 13.42 10.09
CA ASP B 260 -19.13 13.24 10.64
C ASP B 260 -20.23 12.97 9.59
N PRO B 261 -20.40 13.77 8.50
CA PRO B 261 -21.44 13.44 7.51
C PRO B 261 -21.28 12.05 6.88
N LEU B 262 -20.05 11.52 6.75
CA LEU B 262 -19.86 10.16 6.24
C LEU B 262 -20.30 9.11 7.28
N TYR B 263 -20.10 9.38 8.58
CA TYR B 263 -20.56 8.43 9.61
C TYR B 263 -22.09 8.42 9.65
N GLU B 264 -22.73 9.59 9.45
CA GLU B 264 -24.20 9.70 9.36
C GLU B 264 -24.74 8.89 8.17
N VAL B 265 -24.02 8.90 7.05
CA VAL B 265 -24.39 8.11 5.87
C VAL B 265 -24.33 6.61 6.25
N MET B 266 -23.25 6.15 6.93
CA MET B 266 -23.10 4.76 7.38
C MET B 266 -24.27 4.36 8.28
N LEU B 267 -24.66 5.26 9.25
CA LEU B 267 -25.77 5.01 10.16
C LEU B 267 -27.09 4.89 9.42
N LYS B 268 -27.29 5.66 8.34
CA LYS B 268 -28.51 5.57 7.52
C LYS B 268 -28.55 4.25 6.75
N CYS B 269 -27.39 3.77 6.28
CA CYS B 269 -27.24 2.48 5.59
C CYS B 269 -27.65 1.33 6.51
N TRP B 270 -27.39 1.47 7.83
CA TRP B 270 -27.71 0.44 8.79
C TRP B 270 -29.05 0.64 9.47
N HIS B 271 -29.98 1.37 8.83
CA HIS B 271 -31.32 1.59 9.41
C HIS B 271 -32.01 0.25 9.63
N PRO B 272 -32.64 0.01 10.80
CA PRO B 272 -33.32 -1.29 11.01
C PRO B 272 -34.43 -1.58 9.98
N LYS B 273 -35.05 -0.53 9.43
CA LYS B 273 -36.09 -0.71 8.42
C LYS B 273 -35.47 -0.53 7.04
N ALA B 274 -35.42 -1.61 6.26
CA ALA B 274 -34.83 -1.66 4.93
C ALA B 274 -35.30 -0.54 4.01
N GLU B 275 -36.60 -0.27 3.97
CA GLU B 275 -37.21 0.77 3.14
C GLU B 275 -36.74 2.19 3.50
N MET B 276 -36.24 2.39 4.73
CA MET B 276 -35.75 3.69 5.18
C MET B 276 -34.25 3.95 4.88
N ARG B 277 -33.55 2.94 4.37
CA ARG B 277 -32.15 3.09 3.98
C ARG B 277 -32.06 3.91 2.72
N PRO B 278 -30.99 4.69 2.55
CA PRO B 278 -30.86 5.48 1.32
C PRO B 278 -30.73 4.58 0.10
N SER B 279 -31.13 5.08 -1.05
CA SER B 279 -30.93 4.36 -2.29
C SER B 279 -29.46 4.57 -2.70
N PHE B 280 -28.93 3.75 -3.62
CA PHE B 280 -27.59 3.94 -4.15
C PHE B 280 -27.48 5.27 -4.93
N SER B 281 -28.57 5.72 -5.53
CA SER B 281 -28.63 6.99 -6.23
C SER B 281 -28.43 8.14 -5.22
N GLU B 282 -29.08 8.06 -4.04
CA GLU B 282 -28.94 9.05 -2.98
C GLU B 282 -27.53 9.01 -2.38
N LEU B 283 -26.93 7.80 -2.24
CA LEU B 283 -25.59 7.60 -1.73
C LEU B 283 -24.57 8.23 -2.69
N VAL B 284 -24.75 8.09 -4.01
CA VAL B 284 -23.84 8.69 -4.99
C VAL B 284 -23.90 10.21 -4.87
N SER B 285 -25.09 10.75 -4.81
CA SER B 285 -25.29 12.19 -4.68
C SER B 285 -24.65 12.75 -3.39
N ARG B 286 -24.96 12.16 -2.24
CA ARG B 286 -24.45 12.59 -0.94
C ARG B 286 -22.96 12.40 -0.77
N ILE B 287 -22.41 11.27 -1.23
CA ILE B 287 -20.99 11.01 -1.11
C ILE B 287 -20.19 11.90 -2.06
N SER B 288 -20.72 12.20 -3.24
CA SER B 288 -20.03 13.09 -4.18
C SER B 288 -19.93 14.51 -3.58
N ALA B 289 -20.95 14.97 -2.86
CA ALA B 289 -20.93 16.25 -2.12
C ALA B 289 -19.84 16.26 -1.02
N ILE B 290 -19.74 15.19 -0.20
CA ILE B 290 -18.71 15.07 0.85
C ILE B 290 -17.31 15.02 0.22
N PHE B 291 -17.15 14.21 -0.84
CA PHE B 291 -15.88 14.07 -1.55
C PHE B 291 -15.39 15.41 -2.08
N SER B 292 -16.32 16.23 -2.60
CA SER B 292 -16.00 17.54 -3.13
C SER B 292 -15.53 18.58 -2.10
N THR B 293 -15.77 18.35 -0.81
CA THR B 293 -15.32 19.28 0.23
C THR B 293 -13.81 19.10 0.56
N PHE B 294 -13.16 18.03 0.08
CA PHE B 294 -11.74 17.78 0.35
C PHE B 294 -10.82 18.32 -0.72
N ILE B 295 -9.71 18.92 -0.29
CA ILE B 295 -8.70 19.47 -1.19
C ILE B 295 -7.87 18.35 -1.83
#